data_8BLV
#
_entry.id   8BLV
#
_cell.length_a   56.710
_cell.length_b   67.462
_cell.length_c   106.740
_cell.angle_alpha   90.000
_cell.angle_beta   90.000
_cell.angle_gamma   90.000
#
_symmetry.space_group_name_H-M   'P 21 21 21'
#
loop_
_entity.id
_entity.type
_entity.pdbx_description
1 polymer Syntenin-1
2 polymer Syndecan-4
3 non-polymer 'SULFATE ION'
4 non-polymer 1,2-ETHANEDIOL
5 water water
#
loop_
_entity_poly.entity_id
_entity_poly.type
_entity_poly.pdbx_seq_one_letter_code
_entity_poly.pdbx_strand_id
1 'polypeptide(L)'
;SMAEIKQGIREVILCKDQDGKIGLRLKSIDNGIFVQLVQANSPASLVGLRFGDQVLQINGENCAGWSSDKAHKVLKQAFG
EKITMTIRDRPFERTITMHKDSTGHVGFIFKNGKITSIVKDSSAARNGLLTEHNICEINGQNVIGLKDSQIADILSTSGT
VVTITIMPAFIFEHIIKRMAPSIMKSLMDHTIPEV
;
A,B
2 'polypeptide(L)' APTNEFYA C,D
#
# COMPACT_ATOMS: atom_id res chain seq x y z
N LYS A 6 -1.87 17.41 -6.47
CA LYS A 6 -1.10 16.99 -7.66
C LYS A 6 -0.14 15.84 -7.32
N GLN A 7 0.33 15.68 -6.06
CA GLN A 7 1.36 14.68 -5.79
C GLN A 7 0.89 13.29 -6.27
N GLY A 8 1.73 12.70 -7.14
CA GLY A 8 1.56 11.36 -7.68
C GLY A 8 0.42 11.23 -8.71
N ILE A 9 -0.14 12.38 -9.14
CA ILE A 9 -1.36 12.46 -9.97
C ILE A 9 -1.01 13.26 -11.22
N ARG A 10 -1.39 12.72 -12.36
CA ARG A 10 -1.25 13.48 -13.60
C ARG A 10 -2.52 13.33 -14.43
N GLU A 11 -2.66 14.28 -15.36
CA GLU A 11 -3.74 14.29 -16.32
C GLU A 11 -3.15 14.01 -17.69
N VAL A 12 -3.72 13.02 -18.38
CA VAL A 12 -3.30 12.68 -19.72
C VAL A 12 -4.46 12.80 -20.71
N ILE A 13 -4.10 12.97 -22.00
CA ILE A 13 -5.03 12.91 -23.11
C ILE A 13 -4.59 11.77 -24.02
N LEU A 14 -5.50 10.84 -24.34
CA LEU A 14 -5.21 9.69 -25.20
C LEU A 14 -6.13 9.84 -26.42
N CYS A 15 -5.79 9.16 -27.52
CA CYS A 15 -6.63 9.10 -28.71
CA CYS A 15 -6.59 9.11 -28.74
C CYS A 15 -6.82 7.64 -29.09
N LYS A 16 -8.09 7.23 -29.25
CA LYS A 16 -8.37 5.88 -29.71
C LYS A 16 -7.62 5.62 -31.03
N ASP A 17 -7.23 4.36 -31.25
CA ASP A 17 -6.50 3.98 -32.44
C ASP A 17 -7.48 3.67 -33.58
N GLN A 18 -6.93 3.12 -34.67
CA GLN A 18 -7.68 2.92 -35.90
C GLN A 18 -8.90 2.04 -35.62
N ASP A 19 -8.74 1.06 -34.71
CA ASP A 19 -9.79 0.09 -34.44
C ASP A 19 -10.75 0.57 -33.34
N GLY A 20 -10.68 1.84 -32.94
CA GLY A 20 -11.48 2.37 -31.85
C GLY A 20 -11.04 1.89 -30.45
N LYS A 21 -9.78 1.49 -30.27
CA LYS A 21 -9.33 0.93 -28.98
C LYS A 21 -8.26 1.79 -28.34
N ILE A 22 -8.14 1.72 -27.00
CA ILE A 22 -7.01 2.39 -26.34
C ILE A 22 -6.07 1.37 -25.71
N GLY A 23 -6.50 0.12 -25.49
CA GLY A 23 -5.57 -0.92 -25.11
C GLY A 23 -5.55 -1.18 -23.61
N LEU A 24 -6.73 -1.17 -22.98
CA LEU A 24 -6.82 -1.32 -21.52
C LEU A 24 -7.80 -2.41 -21.11
N ARG A 25 -7.53 -3.02 -19.96
CA ARG A 25 -8.56 -3.66 -19.18
C ARG A 25 -8.42 -3.13 -17.75
N LEU A 26 -9.55 -2.68 -17.20
CA LEU A 26 -9.66 -2.05 -15.90
C LEU A 26 -10.35 -2.98 -14.93
N LYS A 27 -10.21 -2.70 -13.62
CA LYS A 27 -10.85 -3.48 -12.60
C LYS A 27 -11.19 -2.62 -11.39
N SER A 28 -12.43 -2.80 -10.91
CA SER A 28 -12.95 -2.13 -9.73
C SER A 28 -12.42 -2.79 -8.47
N ILE A 29 -11.70 -2.06 -7.60
CA ILE A 29 -11.19 -2.54 -6.35
C ILE A 29 -11.41 -1.48 -5.26
N ASP A 30 -12.11 -1.84 -4.18
CA ASP A 30 -12.29 -0.97 -3.03
C ASP A 30 -12.74 0.43 -3.44
N ASN A 31 -13.73 0.46 -4.34
CA ASN A 31 -14.42 1.68 -4.79
C ASN A 31 -13.50 2.59 -5.60
N GLY A 32 -12.40 2.00 -6.11
CA GLY A 32 -11.58 2.66 -7.12
C GLY A 32 -11.55 1.86 -8.42
N ILE A 33 -10.93 2.44 -9.46
CA ILE A 33 -10.68 1.76 -10.73
C ILE A 33 -9.18 1.68 -10.96
N PHE A 34 -8.72 0.47 -11.29
CA PHE A 34 -7.31 0.18 -11.49
C PHE A 34 -7.03 -0.43 -12.85
N VAL A 35 -5.80 -0.21 -13.33
CA VAL A 35 -5.36 -0.83 -14.57
C VAL A 35 -4.96 -2.29 -14.28
N GLN A 36 -5.63 -3.21 -14.96
CA GLN A 36 -5.33 -4.62 -14.89
C GLN A 36 -4.39 -5.07 -16.02
N LEU A 37 -4.57 -4.52 -17.23
CA LEU A 37 -3.82 -4.87 -18.42
C LEU A 37 -3.65 -3.66 -19.29
N VAL A 38 -2.42 -3.45 -19.75
CA VAL A 38 -2.09 -2.48 -20.78
C VAL A 38 -1.50 -3.23 -21.95
N GLN A 39 -2.08 -3.00 -23.11
CA GLN A 39 -1.56 -3.59 -24.33
C GLN A 39 -0.32 -2.83 -24.77
N ALA A 40 0.67 -3.64 -25.17
CA ALA A 40 1.87 -3.10 -25.78
C ALA A 40 1.52 -2.34 -27.04
N ASN A 41 2.23 -1.22 -27.27
CA ASN A 41 2.11 -0.37 -28.44
C ASN A 41 0.65 0.05 -28.64
N SER A 42 0.04 0.56 -27.56
CA SER A 42 -1.32 1.02 -27.59
C SER A 42 -1.32 2.50 -27.27
N PRO A 43 -2.45 3.21 -27.50
CA PRO A 43 -2.66 4.54 -26.96
C PRO A 43 -2.38 4.63 -25.46
N ALA A 44 -2.81 3.63 -24.72
CA ALA A 44 -2.66 3.61 -23.26
C ALA A 44 -1.16 3.48 -22.94
N SER A 45 -0.42 2.63 -23.65
CA SER A 45 1.00 2.49 -23.33
C SER A 45 1.75 3.79 -23.64
N LEU A 46 1.35 4.51 -24.69
CA LEU A 46 2.06 5.70 -25.08
C LEU A 46 1.90 6.83 -24.06
N VAL A 47 0.85 6.82 -23.23
CA VAL A 47 0.70 7.86 -22.22
C VAL A 47 1.15 7.33 -20.85
N GLY A 48 1.81 6.16 -20.86
CA GLY A 48 2.51 5.63 -19.71
C GLY A 48 1.63 4.92 -18.69
N LEU A 49 0.45 4.46 -19.11
CA LEU A 49 -0.35 3.65 -18.20
C LEU A 49 0.33 2.31 -17.90
N ARG A 50 0.19 1.89 -16.63
CA ARG A 50 0.91 0.76 -16.09
C ARG A 50 -0.05 -0.08 -15.26
N PHE A 51 0.19 -1.38 -15.24
CA PHE A 51 -0.44 -2.24 -14.25
C PHE A 51 -0.49 -1.61 -12.87
N GLY A 52 -1.68 -1.59 -12.28
CA GLY A 52 -1.86 -1.15 -10.91
C GLY A 52 -2.07 0.35 -10.78
N ASP A 53 -1.92 1.13 -11.86
CA ASP A 53 -2.28 2.54 -11.83
C ASP A 53 -3.74 2.69 -11.40
N GLN A 54 -4.03 3.77 -10.67
CA GLN A 54 -5.39 4.13 -10.30
C GLN A 54 -5.91 5.21 -11.26
N VAL A 55 -7.12 4.99 -11.74
CA VAL A 55 -7.78 5.94 -12.66
C VAL A 55 -8.84 6.70 -11.86
N LEU A 56 -8.59 7.99 -11.61
CA LEU A 56 -9.46 8.80 -10.78
C LEU A 56 -10.65 9.39 -11.58
N GLN A 57 -10.42 9.80 -12.83
CA GLN A 57 -11.44 10.39 -13.69
CA GLN A 57 -11.45 10.40 -13.68
C GLN A 57 -11.21 9.92 -15.11
N ILE A 58 -12.29 9.81 -15.87
CA ILE A 58 -12.29 9.60 -17.30
C ILE A 58 -13.26 10.60 -17.93
N ASN A 59 -12.75 11.44 -18.84
CA ASN A 59 -13.61 12.40 -19.56
C ASN A 59 -14.40 13.24 -18.57
N GLY A 60 -13.73 13.71 -17.53
CA GLY A 60 -14.31 14.63 -16.58
C GLY A 60 -15.18 14.00 -15.49
N GLU A 61 -15.42 12.68 -15.54
CA GLU A 61 -16.26 12.04 -14.56
C GLU A 61 -15.37 11.26 -13.59
N ASN A 62 -15.75 11.30 -12.34
CA ASN A 62 -15.07 10.53 -11.30
C ASN A 62 -15.40 9.04 -11.40
N CYS A 63 -14.35 8.21 -11.31
CA CYS A 63 -14.46 6.78 -11.38
C CYS A 63 -14.91 6.15 -10.07
N ALA A 64 -14.94 6.93 -8.98
CA ALA A 64 -15.22 6.34 -7.66
C ALA A 64 -16.49 5.51 -7.73
N GLY A 65 -16.41 4.26 -7.25
CA GLY A 65 -17.57 3.44 -7.09
C GLY A 65 -18.00 2.75 -8.39
N TRP A 66 -17.39 3.08 -9.52
CA TRP A 66 -17.73 2.48 -10.80
C TRP A 66 -17.38 1.00 -10.77
N SER A 67 -18.28 0.19 -11.33
CA SER A 67 -17.91 -1.17 -11.66
C SER A 67 -16.91 -1.21 -12.81
N SER A 68 -16.22 -2.35 -12.97
CA SER A 68 -15.38 -2.64 -14.13
C SER A 68 -16.21 -2.43 -15.42
N ASP A 69 -17.45 -2.99 -15.43
CA ASP A 69 -18.34 -2.84 -16.58
C ASP A 69 -18.60 -1.40 -16.94
N LYS A 70 -18.93 -0.59 -15.92
CA LYS A 70 -19.21 0.82 -16.11
C LYS A 70 -17.99 1.48 -16.72
N ALA A 71 -16.78 1.24 -16.16
CA ALA A 71 -15.62 1.94 -16.68
C ALA A 71 -15.38 1.57 -18.14
N HIS A 72 -15.52 0.28 -18.47
CA HIS A 72 -15.32 -0.18 -19.82
C HIS A 72 -16.37 0.44 -20.76
N LYS A 73 -17.62 0.47 -20.28
CA LYS A 73 -18.71 1.02 -21.07
C LYS A 73 -18.45 2.48 -21.40
N VAL A 74 -18.01 3.27 -20.44
CA VAL A 74 -17.72 4.67 -20.64
C VAL A 74 -16.65 4.84 -21.71
N LEU A 75 -15.60 4.00 -21.67
CA LEU A 75 -14.55 4.16 -22.67
C LEU A 75 -15.05 3.74 -24.05
N LYS A 76 -15.79 2.64 -24.10
CA LYS A 76 -16.34 2.12 -25.35
C LYS A 76 -17.24 3.19 -26.00
N GLN A 77 -18.08 3.83 -25.18
CA GLN A 77 -19.13 4.69 -25.70
C GLN A 77 -18.63 6.12 -25.78
N ALA A 78 -17.35 6.38 -25.42
CA ALA A 78 -16.81 7.74 -25.42
C ALA A 78 -16.86 8.33 -26.83
N PHE A 79 -17.72 9.35 -26.97
CA PHE A 79 -18.05 9.96 -28.25
C PHE A 79 -16.77 10.51 -28.90
N GLY A 80 -15.94 11.23 -28.14
CA GLY A 80 -14.70 11.78 -28.68
C GLY A 80 -13.67 10.71 -29.07
N GLU A 81 -12.93 11.02 -30.15
CA GLU A 81 -11.67 10.38 -30.51
C GLU A 81 -10.67 10.48 -29.36
N LYS A 82 -10.75 11.66 -28.69
CA LYS A 82 -9.91 12.18 -27.62
C LYS A 82 -10.50 11.86 -26.23
N ILE A 83 -9.70 11.26 -25.33
CA ILE A 83 -10.14 10.79 -24.03
C ILE A 83 -9.23 11.40 -22.97
N THR A 84 -9.75 12.00 -21.89
CA THR A 84 -8.91 12.53 -20.82
C THR A 84 -8.98 11.56 -19.64
N MET A 85 -7.86 11.36 -18.93
CA MET A 85 -7.84 10.53 -17.73
C MET A 85 -6.97 11.21 -16.69
N THR A 86 -7.38 11.09 -15.43
CA THR A 86 -6.53 11.47 -14.30
C THR A 86 -6.01 10.20 -13.63
N ILE A 87 -4.69 10.11 -13.53
CA ILE A 87 -3.99 8.90 -13.14
C ILE A 87 -3.19 9.13 -11.87
N ARG A 88 -3.32 8.20 -10.95
CA ARG A 88 -2.37 8.08 -9.85
C ARG A 88 -1.44 6.90 -10.15
N ASP A 89 -0.14 7.20 -10.28
CA ASP A 89 0.88 6.29 -10.75
C ASP A 89 1.22 5.19 -9.72
N ARG A 90 0.95 3.93 -10.07
CA ARG A 90 1.44 2.73 -9.39
C ARG A 90 1.42 2.92 -7.88
N PRO A 91 0.26 3.18 -7.25
CA PRO A 91 0.21 3.53 -5.82
C PRO A 91 0.68 2.42 -4.87
N PHE A 92 0.53 1.15 -5.28
CA PHE A 92 0.74 0.01 -4.39
C PHE A 92 2.13 -0.59 -4.61
N GLU A 93 2.95 0.00 -5.47
CA GLU A 93 4.32 -0.47 -5.71
C GLU A 93 5.31 0.31 -4.88
N ARG A 94 6.39 -0.37 -4.45
CA ARG A 94 7.50 0.25 -3.73
CA ARG A 94 7.50 0.23 -3.72
C ARG A 94 8.80 -0.30 -4.32
N THR A 95 9.86 0.49 -4.27
CA THR A 95 11.16 0.13 -4.84
C THR A 95 12.12 -0.25 -3.72
N ILE A 96 12.86 -1.35 -3.94
CA ILE A 96 13.96 -1.78 -3.08
C ILE A 96 15.19 -1.98 -3.96
N THR A 97 16.33 -1.42 -3.55
CA THR A 97 17.60 -1.60 -4.21
C THR A 97 18.54 -2.43 -3.34
N MET A 98 19.07 -3.48 -3.97
CA MET A 98 19.97 -4.40 -3.35
C MET A 98 21.23 -4.52 -4.18
N HIS A 99 22.23 -5.17 -3.59
CA HIS A 99 23.54 -5.38 -4.22
C HIS A 99 23.94 -6.85 -4.09
N LYS A 100 24.39 -7.42 -5.18
CA LYS A 100 24.77 -8.84 -5.21
C LYS A 100 26.01 -9.09 -4.40
N ASP A 101 26.00 -10.23 -3.72
CA ASP A 101 27.14 -10.73 -3.00
C ASP A 101 28.19 -11.38 -3.91
N SER A 102 29.23 -11.98 -3.30
CA SER A 102 30.28 -12.62 -4.09
C SER A 102 29.81 -13.83 -4.88
N THR A 103 28.61 -14.38 -4.62
CA THR A 103 28.07 -15.48 -5.35
C THR A 103 27.05 -15.03 -6.41
N GLY A 104 26.81 -13.70 -6.47
CA GLY A 104 25.86 -13.17 -7.43
C GLY A 104 24.43 -13.07 -6.94
N HIS A 105 24.22 -13.14 -5.60
CA HIS A 105 22.87 -13.17 -5.03
C HIS A 105 22.62 -12.04 -4.07
N VAL A 106 21.34 -11.62 -4.02
CA VAL A 106 20.92 -10.54 -3.13
C VAL A 106 20.24 -11.02 -1.84
N GLY A 107 19.76 -12.29 -1.83
CA GLY A 107 19.34 -12.87 -0.57
C GLY A 107 17.85 -13.12 -0.35
N PHE A 108 17.12 -13.52 -1.36
CA PHE A 108 15.73 -13.85 -1.09
C PHE A 108 15.35 -15.09 -1.88
N ILE A 109 14.32 -15.77 -1.37
CA ILE A 109 13.76 -16.92 -2.04
C ILE A 109 12.37 -16.53 -2.59
N PHE A 110 12.06 -17.00 -3.80
CA PHE A 110 10.79 -16.68 -4.42
C PHE A 110 10.20 -17.92 -5.10
N LYS A 111 8.88 -17.81 -5.33
CA LYS A 111 8.15 -18.82 -6.07
C LYS A 111 6.89 -18.17 -6.65
N ASN A 112 6.65 -18.44 -7.94
CA ASN A 112 5.52 -17.85 -8.64
C ASN A 112 5.62 -16.31 -8.59
N GLY A 113 6.84 -15.78 -8.67
CA GLY A 113 7.04 -14.34 -8.62
C GLY A 113 6.86 -13.69 -7.25
N LYS A 114 6.57 -14.48 -6.20
CA LYS A 114 6.34 -13.96 -4.88
C LYS A 114 7.54 -14.29 -3.98
N ILE A 115 8.04 -13.25 -3.28
CA ILE A 115 9.09 -13.42 -2.29
C ILE A 115 8.53 -14.19 -1.08
N THR A 116 9.18 -15.31 -0.73
CA THR A 116 8.71 -16.17 0.34
C THR A 116 9.68 -16.30 1.55
N SER A 117 10.97 -15.93 1.41
CA SER A 117 11.90 -16.00 2.54
C SER A 117 13.00 -14.97 2.28
N ILE A 118 13.55 -14.42 3.34
CA ILE A 118 14.72 -13.52 3.27
C ILE A 118 15.90 -14.21 4.00
N VAL A 119 17.03 -14.22 3.33
CA VAL A 119 18.26 -14.72 3.94
C VAL A 119 18.82 -13.70 4.89
N LYS A 120 19.06 -14.15 6.13
CA LYS A 120 19.60 -13.26 7.14
C LYS A 120 20.99 -12.78 6.73
N ASP A 121 21.22 -11.48 7.02
CA ASP A 121 22.49 -10.78 6.80
C ASP A 121 22.89 -10.69 5.32
N SER A 122 21.90 -10.79 4.40
CA SER A 122 22.07 -10.54 3.00
C SER A 122 21.70 -9.08 2.70
N SER A 123 21.89 -8.67 1.45
CA SER A 123 21.44 -7.37 1.01
C SER A 123 19.94 -7.18 1.15
N ALA A 124 19.16 -8.23 0.81
CA ALA A 124 17.73 -8.19 1.01
C ALA A 124 17.39 -7.94 2.47
N ALA A 125 18.10 -8.58 3.40
CA ALA A 125 17.91 -8.36 4.83
C ALA A 125 18.24 -6.92 5.19
N ARG A 126 19.41 -6.46 4.74
CA ARG A 126 19.85 -5.11 5.14
C ARG A 126 18.88 -4.04 4.67
N ASN A 127 18.29 -4.26 3.50
CA ASN A 127 17.36 -3.34 2.85
C ASN A 127 15.91 -3.57 3.22
N GLY A 128 15.64 -4.50 4.14
CA GLY A 128 14.31 -4.71 4.66
C GLY A 128 13.31 -5.22 3.66
N LEU A 129 13.74 -6.10 2.78
CA LEU A 129 12.82 -6.71 1.85
C LEU A 129 11.85 -7.59 2.61
N LEU A 130 10.59 -7.59 2.14
CA LEU A 130 9.51 -8.33 2.79
C LEU A 130 9.01 -9.48 1.97
N THR A 131 8.51 -10.51 2.66
CA THR A 131 7.87 -11.64 2.03
C THR A 131 6.41 -11.33 1.73
N GLU A 132 5.70 -12.27 1.09
CA GLU A 132 4.30 -12.05 0.72
C GLU A 132 4.17 -10.79 -0.12
N HIS A 133 5.18 -10.56 -0.97
CA HIS A 133 5.24 -9.48 -1.92
C HIS A 133 5.56 -10.07 -3.29
N ASN A 134 4.85 -9.64 -4.32
CA ASN A 134 5.09 -10.02 -5.70
C ASN A 134 6.04 -9.00 -6.32
N ILE A 135 6.96 -9.54 -7.13
CA ILE A 135 7.91 -8.71 -7.85
C ILE A 135 7.21 -8.22 -9.12
N CYS A 136 7.38 -6.93 -9.41
CA CYS A 136 6.72 -6.32 -10.56
C CYS A 136 7.71 -5.97 -11.66
N GLU A 137 8.87 -5.45 -11.28
CA GLU A 137 9.91 -5.04 -12.22
C GLU A 137 11.28 -5.33 -11.63
N ILE A 138 12.27 -5.68 -12.48
CA ILE A 138 13.66 -5.83 -12.06
C ILE A 138 14.53 -5.05 -13.04
N ASN A 139 15.26 -4.06 -12.54
CA ASN A 139 16.19 -3.27 -13.37
C ASN A 139 15.48 -2.76 -14.64
N GLY A 140 14.25 -2.25 -14.47
CA GLY A 140 13.48 -1.62 -15.53
C GLY A 140 12.72 -2.58 -16.44
N GLN A 141 12.87 -3.90 -16.22
CA GLN A 141 12.21 -4.92 -17.01
C GLN A 141 10.97 -5.44 -16.28
N ASN A 142 9.80 -5.38 -16.91
CA ASN A 142 8.58 -5.89 -16.30
C ASN A 142 8.67 -7.40 -16.14
N VAL A 143 8.33 -7.98 -14.95
CA VAL A 143 8.31 -9.41 -14.79
C VAL A 143 6.92 -9.96 -14.45
N ILE A 144 5.90 -9.11 -14.46
CA ILE A 144 4.53 -9.56 -14.21
C ILE A 144 4.11 -10.54 -15.28
N GLY A 145 3.72 -11.76 -14.87
CA GLY A 145 3.32 -12.80 -15.81
C GLY A 145 4.43 -13.74 -16.25
N LEU A 146 5.71 -13.40 -16.00
CA LEU A 146 6.79 -14.26 -16.44
C LEU A 146 6.90 -15.49 -15.55
N LYS A 147 7.46 -16.54 -16.10
CA LYS A 147 7.79 -17.77 -15.39
C LYS A 147 8.96 -17.50 -14.43
N ASP A 148 9.05 -18.30 -13.38
CA ASP A 148 10.15 -18.14 -12.42
C ASP A 148 11.52 -18.30 -13.08
N SER A 149 11.63 -19.18 -14.10
CA SER A 149 12.91 -19.39 -14.77
C SER A 149 13.32 -18.12 -15.51
N GLN A 150 12.34 -17.39 -16.00
CA GLN A 150 12.54 -16.14 -16.70
C GLN A 150 13.02 -15.04 -15.76
N ILE A 151 12.33 -14.96 -14.62
CA ILE A 151 12.76 -14.08 -13.53
C ILE A 151 14.19 -14.44 -13.13
N ALA A 152 14.50 -15.73 -12.91
CA ALA A 152 15.83 -16.17 -12.54
C ALA A 152 16.86 -15.73 -13.57
N ASP A 153 16.51 -15.87 -14.87
CA ASP A 153 17.42 -15.45 -15.92
C ASP A 153 17.71 -13.95 -15.86
N ILE A 154 16.68 -13.12 -15.63
CA ILE A 154 16.87 -11.68 -15.52
C ILE A 154 17.78 -11.32 -14.36
N LEU A 155 17.55 -11.97 -13.21
CA LEU A 155 18.40 -11.74 -12.03
C LEU A 155 19.85 -12.14 -12.31
N SER A 156 20.03 -13.27 -13.00
CA SER A 156 21.33 -13.81 -13.32
C SER A 156 22.15 -12.85 -14.17
N THR A 157 21.50 -12.24 -15.13
CA THR A 157 22.18 -11.40 -16.11
C THR A 157 22.33 -9.98 -15.61
N SER A 158 21.65 -9.61 -14.53
CA SER A 158 21.78 -8.30 -13.90
CA SER A 158 21.79 -8.28 -13.96
C SER A 158 23.23 -8.02 -13.49
N GLY A 159 23.62 -6.75 -13.52
CA GLY A 159 24.78 -6.32 -12.78
C GLY A 159 24.58 -6.34 -11.25
N THR A 160 25.59 -5.88 -10.53
CA THR A 160 25.67 -5.96 -9.08
CA THR A 160 25.63 -6.06 -9.08
C THR A 160 24.45 -5.30 -8.43
N VAL A 161 24.03 -4.17 -9.04
CA VAL A 161 22.90 -3.40 -8.54
C VAL A 161 21.58 -3.96 -9.05
N VAL A 162 20.74 -4.41 -8.08
CA VAL A 162 19.46 -5.03 -8.41
C VAL A 162 18.33 -4.20 -7.80
N THR A 163 17.58 -3.48 -8.66
CA THR A 163 16.52 -2.62 -8.23
C THR A 163 15.22 -3.27 -8.65
N ILE A 164 14.40 -3.58 -7.63
CA ILE A 164 13.13 -4.25 -7.88
C ILE A 164 12.02 -3.35 -7.39
N THR A 165 10.84 -3.55 -7.98
CA THR A 165 9.63 -3.02 -7.41
C THR A 165 8.81 -4.20 -6.96
N ILE A 166 8.11 -3.96 -5.86
CA ILE A 166 7.29 -4.97 -5.22
C ILE A 166 5.92 -4.40 -4.88
N MET A 167 5.00 -5.33 -4.65
CA MET A 167 3.64 -5.04 -4.25
C MET A 167 3.16 -6.15 -3.35
N PRO A 168 2.44 -5.85 -2.24
CA PRO A 168 1.86 -6.87 -1.39
C PRO A 168 1.08 -7.86 -2.21
N ALA A 169 1.29 -9.15 -1.91
CA ALA A 169 0.74 -10.20 -2.73
C ALA A 169 -0.79 -10.16 -2.74
N PHE A 170 -1.44 -9.80 -1.64
CA PHE A 170 -2.90 -9.83 -1.61
CA PHE A 170 -2.90 -9.82 -1.61
C PHE A 170 -3.46 -8.76 -2.56
N ILE A 171 -2.77 -7.62 -2.68
CA ILE A 171 -3.19 -6.57 -3.61
C ILE A 171 -2.93 -6.98 -5.05
N PHE A 172 -1.73 -7.51 -5.29
CA PHE A 172 -1.36 -7.95 -6.61
C PHE A 172 -2.37 -8.94 -7.15
N GLU A 173 -2.71 -9.92 -6.34
CA GLU A 173 -3.59 -11.00 -6.78
C GLU A 173 -4.97 -10.41 -7.08
N HIS A 174 -5.41 -9.45 -6.29
CA HIS A 174 -6.71 -8.83 -6.54
CA HIS A 174 -6.71 -8.82 -6.53
C HIS A 174 -6.69 -8.06 -7.85
N ILE A 175 -5.62 -7.33 -8.16
CA ILE A 175 -5.56 -6.59 -9.42
C ILE A 175 -5.49 -7.53 -10.63
N ILE A 176 -4.71 -8.61 -10.54
CA ILE A 176 -4.45 -9.45 -11.71
C ILE A 176 -5.60 -10.43 -11.94
N LYS A 177 -6.43 -10.68 -10.92
CA LYS A 177 -7.43 -11.74 -11.05
C LYS A 177 -8.52 -11.32 -12.05
N ARG A 178 -8.75 -12.19 -13.04
CA ARG A 178 -9.71 -11.87 -14.09
C ARG A 178 -11.09 -12.33 -13.65
N MET A 179 -12.09 -11.46 -13.73
CA MET A 179 -13.46 -11.80 -13.34
C MET A 179 -14.19 -12.46 -14.53
N ALA A 180 -15.17 -13.34 -14.24
CA ALA A 180 -16.07 -13.84 -15.28
C ALA A 180 -16.80 -12.66 -15.88
N PRO A 181 -17.26 -12.70 -17.16
CA PRO A 181 -18.18 -11.66 -17.65
C PRO A 181 -19.35 -11.57 -16.66
N SER A 182 -19.87 -10.33 -16.47
CA SER A 182 -20.95 -10.13 -15.51
C SER A 182 -22.24 -10.71 -16.08
N ILE A 183 -22.37 -10.58 -17.42
CA ILE A 183 -23.16 -11.39 -18.32
C ILE A 183 -23.41 -12.78 -17.71
N MET A 184 -22.32 -13.51 -17.42
CA MET A 184 -22.40 -14.80 -16.74
C MET A 184 -22.79 -14.64 -15.26
N LYS A 185 -22.20 -13.66 -14.56
CA LYS A 185 -22.51 -13.45 -13.15
C LYS A 185 -23.98 -13.09 -12.97
N SER A 186 -24.53 -12.23 -13.84
CA SER A 186 -25.97 -11.94 -13.84
C SER A 186 -26.75 -13.24 -14.05
N LEU A 187 -26.64 -13.84 -15.26
CA LEU A 187 -27.27 -15.12 -15.56
C LEU A 187 -27.36 -15.99 -14.30
N MET A 188 -26.28 -16.06 -13.53
CA MET A 188 -26.19 -17.01 -12.44
C MET A 188 -26.69 -16.40 -11.12
N ASP A 189 -26.42 -15.11 -10.88
CA ASP A 189 -26.87 -14.44 -9.67
C ASP A 189 -28.39 -14.28 -9.69
N HIS A 190 -28.86 -13.44 -10.64
CA HIS A 190 -30.22 -12.92 -10.67
C HIS A 190 -31.11 -13.86 -11.48
N THR A 191 -31.54 -14.95 -10.81
CA THR A 191 -32.31 -16.03 -11.40
C THR A 191 -33.77 -15.92 -10.95
N ILE A 192 -34.33 -14.70 -10.99
CA ILE A 192 -35.68 -14.51 -10.50
C ILE A 192 -36.63 -14.39 -11.69
N PRO A 193 -37.62 -15.32 -11.83
CA PRO A 193 -38.54 -15.31 -12.97
C PRO A 193 -39.36 -14.03 -12.90
N GLU A 194 -39.69 -13.46 -14.05
CA GLU A 194 -40.56 -12.31 -14.13
C GLU A 194 -42.02 -12.76 -13.93
N VAL A 195 -42.41 -13.97 -14.41
CA VAL A 195 -43.83 -14.33 -14.47
C VAL A 195 -44.02 -15.81 -14.10
N LYS B 6 18.89 5.26 1.29
CA LYS B 6 18.58 6.47 2.10
C LYS B 6 17.12 6.89 1.93
N GLN B 7 16.59 6.85 0.70
CA GLN B 7 15.24 7.36 0.47
C GLN B 7 14.26 6.54 1.32
N GLY B 8 13.47 7.24 2.15
CA GLY B 8 12.52 6.61 3.03
C GLY B 8 13.14 5.98 4.29
N ILE B 9 14.47 6.12 4.51
CA ILE B 9 15.22 5.46 5.59
C ILE B 9 15.88 6.50 6.51
N ARG B 10 15.74 6.36 7.83
CA ARG B 10 16.41 7.28 8.74
CA ARG B 10 16.31 7.32 8.78
C ARG B 10 16.86 6.51 9.97
N GLU B 11 17.84 7.09 10.66
CA GLU B 11 18.28 6.59 11.94
C GLU B 11 17.64 7.43 13.03
N VAL B 12 17.14 6.74 14.04
CA VAL B 12 16.67 7.36 15.26
C VAL B 12 17.47 6.80 16.43
N ILE B 13 17.70 7.70 17.40
CA ILE B 13 18.41 7.43 18.62
C ILE B 13 17.39 7.67 19.73
N LEU B 14 17.19 6.64 20.54
CA LEU B 14 16.30 6.72 21.67
C LEU B 14 17.11 6.50 22.93
N CYS B 15 16.53 7.01 24.03
CA CYS B 15 17.04 6.83 25.37
CA CYS B 15 17.05 6.83 25.37
C CYS B 15 15.91 6.28 26.22
N LYS B 16 16.13 5.14 26.85
CA LYS B 16 15.16 4.59 27.78
C LYS B 16 14.87 5.65 28.86
N ASP B 17 13.63 5.69 29.36
CA ASP B 17 13.23 6.66 30.35
C ASP B 17 13.55 6.08 31.74
N GLN B 18 13.03 6.76 32.77
CA GLN B 18 13.36 6.41 34.15
C GLN B 18 12.89 4.99 34.46
N ASP B 19 11.83 4.52 33.80
CA ASP B 19 11.31 3.17 34.08
C ASP B 19 12.00 2.12 33.20
N GLY B 20 13.01 2.52 32.44
CA GLY B 20 13.68 1.59 31.54
C GLY B 20 12.92 1.36 30.23
N LYS B 21 12.03 2.30 29.84
CA LYS B 21 11.15 2.04 28.71
C LYS B 21 11.31 3.07 27.60
N ILE B 22 10.97 2.70 26.35
CA ILE B 22 10.93 3.69 25.27
C ILE B 22 9.51 3.91 24.74
N GLY B 23 8.56 3.02 25.06
CA GLY B 23 7.15 3.24 24.75
C GLY B 23 6.72 2.57 23.43
N LEU B 24 7.21 1.36 23.19
CA LEU B 24 6.98 0.62 21.94
C LEU B 24 6.44 -0.77 22.18
N ARG B 25 5.69 -1.27 21.20
CA ARG B 25 5.50 -2.70 21.02
C ARG B 25 5.77 -2.97 19.53
N LEU B 26 6.55 -4.04 19.23
CA LEU B 26 6.93 -4.37 17.85
C LEU B 26 6.26 -5.67 17.47
N LYS B 27 6.14 -5.90 16.16
CA LYS B 27 5.50 -7.09 15.61
C LYS B 27 6.28 -7.56 14.37
N SER B 28 6.46 -8.88 14.28
CA SER B 28 6.98 -9.55 13.07
C SER B 28 5.90 -9.72 12.03
N ILE B 29 6.08 -9.15 10.85
CA ILE B 29 5.17 -9.19 9.73
C ILE B 29 6.03 -9.44 8.48
N ASP B 30 5.70 -10.47 7.71
CA ASP B 30 6.27 -10.65 6.37
C ASP B 30 7.82 -10.62 6.44
N ASN B 31 8.44 -11.21 7.47
CA ASN B 31 9.90 -11.36 7.57
C ASN B 31 10.56 -10.01 7.89
N GLY B 32 9.75 -9.03 8.32
CA GLY B 32 10.28 -7.76 8.82
C GLY B 32 9.72 -7.53 10.22
N ILE B 33 10.11 -6.40 10.80
CA ILE B 33 9.70 -5.96 12.13
C ILE B 33 9.04 -4.59 11.95
N PHE B 34 7.88 -4.46 12.54
CA PHE B 34 7.06 -3.26 12.44
C PHE B 34 6.66 -2.74 13.80
N VAL B 35 6.45 -1.41 13.88
CA VAL B 35 5.92 -0.82 15.09
C VAL B 35 4.43 -1.09 15.18
N GLN B 36 4.02 -1.74 16.27
CA GLN B 36 2.65 -2.11 16.54
C GLN B 36 1.97 -1.04 17.40
N LEU B 37 2.73 -0.43 18.31
CA LEU B 37 2.19 0.54 19.29
C LEU B 37 3.29 1.53 19.64
N VAL B 38 2.95 2.82 19.61
CA VAL B 38 3.75 3.91 20.12
C VAL B 38 2.90 4.60 21.18
N GLN B 39 3.42 4.65 22.39
CA GLN B 39 2.76 5.37 23.48
C GLN B 39 2.83 6.88 23.22
N ALA B 40 1.68 7.56 23.39
CA ALA B 40 1.67 9.00 23.40
C ALA B 40 2.71 9.56 24.38
N ASN B 41 3.32 10.66 23.96
CA ASN B 41 4.33 11.44 24.70
CA ASN B 41 4.25 11.41 24.79
C ASN B 41 5.36 10.50 25.35
N SER B 42 6.00 9.67 24.52
CA SER B 42 7.00 8.71 24.96
C SER B 42 8.30 9.05 24.25
N PRO B 43 9.46 8.52 24.66
CA PRO B 43 10.68 8.63 23.87
C PRO B 43 10.46 8.23 22.41
N ALA B 44 9.69 7.14 22.20
CA ALA B 44 9.42 6.68 20.84
C ALA B 44 8.60 7.74 20.09
N SER B 45 7.57 8.31 20.72
CA SER B 45 6.71 9.23 19.99
C SER B 45 7.47 10.50 19.68
N LEU B 46 8.32 10.89 20.60
CA LEU B 46 8.95 12.20 20.48
C LEU B 46 10.02 12.15 19.41
N VAL B 47 10.53 10.94 19.08
CA VAL B 47 11.52 10.86 18.02
C VAL B 47 10.85 10.53 16.68
N GLY B 48 9.51 10.50 16.67
CA GLY B 48 8.75 10.49 15.43
C GLY B 48 8.43 9.07 14.99
N LEU B 49 8.61 8.05 15.85
CA LEU B 49 8.14 6.71 15.50
C LEU B 49 6.61 6.65 15.50
N ARG B 50 6.05 5.93 14.53
CA ARG B 50 4.61 5.77 14.40
CA ARG B 50 4.61 5.77 14.41
C ARG B 50 4.28 4.32 14.09
N PHE B 51 3.04 3.95 14.38
CA PHE B 51 2.47 2.70 14.00
C PHE B 51 2.81 2.42 12.52
N GLY B 52 3.29 1.21 12.26
CA GLY B 52 3.54 0.76 10.92
C GLY B 52 4.88 1.17 10.35
N ASP B 53 5.68 1.93 11.13
CA ASP B 53 7.07 2.11 10.74
C ASP B 53 7.76 0.73 10.69
N GLN B 54 8.68 0.56 9.73
CA GLN B 54 9.44 -0.66 9.62
C GLN B 54 10.81 -0.46 10.26
N VAL B 55 11.21 -1.45 11.08
CA VAL B 55 12.49 -1.40 11.78
C VAL B 55 13.46 -2.34 11.08
N LEU B 56 14.45 -1.76 10.39
CA LEU B 56 15.41 -2.51 9.57
C LEU B 56 16.56 -3.03 10.46
N GLN B 57 17.05 -2.18 11.36
CA GLN B 57 18.12 -2.57 12.25
C GLN B 57 17.87 -2.02 13.65
N ILE B 58 18.30 -2.76 14.67
CA ILE B 58 18.37 -2.28 16.05
C ILE B 58 19.80 -2.43 16.54
N ASN B 59 20.40 -1.31 16.95
CA ASN B 59 21.79 -1.31 17.37
C ASN B 59 22.70 -1.95 16.32
N GLY B 60 22.46 -1.65 15.05
CA GLY B 60 23.29 -2.16 13.98
C GLY B 60 23.00 -3.58 13.53
N GLU B 61 22.11 -4.35 14.21
CA GLU B 61 21.85 -5.70 13.80
C GLU B 61 20.58 -5.70 12.94
N ASN B 62 20.53 -6.55 11.91
CA ASN B 62 19.38 -6.64 11.02
C ASN B 62 18.25 -7.38 11.73
N CYS B 63 17.04 -6.82 11.60
CA CYS B 63 15.82 -7.40 12.18
C CYS B 63 15.20 -8.46 11.30
N ALA B 64 15.62 -8.61 10.03
CA ALA B 64 14.96 -9.51 9.11
C ALA B 64 14.81 -10.90 9.71
N GLY B 65 13.57 -11.42 9.68
CA GLY B 65 13.26 -12.74 10.12
C GLY B 65 13.16 -12.86 11.65
N TRP B 66 13.39 -11.80 12.42
CA TRP B 66 13.26 -11.85 13.88
C TRP B 66 11.79 -12.05 14.26
N SER B 67 11.56 -12.83 15.32
CA SER B 67 10.22 -12.84 15.90
C SER B 67 9.99 -11.55 16.68
N SER B 68 8.71 -11.28 17.01
CA SER B 68 8.36 -10.18 17.92
C SER B 68 9.12 -10.30 19.23
N ASP B 69 9.16 -11.54 19.77
CA ASP B 69 9.81 -11.80 21.06
CA ASP B 69 9.81 -11.75 21.06
C ASP B 69 11.31 -11.50 20.97
N LYS B 70 11.95 -11.91 19.86
CA LYS B 70 13.36 -11.67 19.68
C LYS B 70 13.59 -10.16 19.71
N ALA B 71 12.77 -9.39 18.94
CA ALA B 71 13.04 -7.97 18.84
C ALA B 71 12.86 -7.32 20.21
N HIS B 72 11.84 -7.76 20.97
CA HIS B 72 11.61 -7.20 22.30
C HIS B 72 12.78 -7.53 23.25
N LYS B 73 13.24 -8.77 23.18
CA LYS B 73 14.32 -9.26 24.02
C LYS B 73 15.57 -8.39 23.79
N VAL B 74 15.89 -8.15 22.52
CA VAL B 74 17.03 -7.33 22.17
C VAL B 74 16.91 -5.93 22.80
N LEU B 75 15.72 -5.32 22.73
CA LEU B 75 15.54 -3.98 23.26
C LEU B 75 15.56 -4.03 24.79
N LYS B 76 14.97 -5.06 25.40
CA LYS B 76 15.02 -5.21 26.85
C LYS B 76 16.46 -5.32 27.34
N GLN B 77 17.29 -6.11 26.65
CA GLN B 77 18.64 -6.42 27.11
C GLN B 77 19.61 -5.33 26.67
N ALA B 78 19.16 -4.40 25.80
CA ALA B 78 20.01 -3.32 25.30
C ALA B 78 20.26 -2.31 26.41
N PHE B 79 21.52 -1.86 26.51
CA PHE B 79 21.89 -0.64 27.23
C PHE B 79 20.99 0.57 26.88
N GLY B 80 20.45 1.27 27.89
CA GLY B 80 19.33 2.18 27.68
C GLY B 80 19.70 3.60 27.20
N GLU B 81 20.93 4.03 27.48
CA GLU B 81 21.40 5.40 27.26
C GLU B 81 21.37 5.71 25.76
N LYS B 82 21.72 4.71 24.94
CA LYS B 82 21.67 4.89 23.51
C LYS B 82 21.13 3.63 22.84
N ILE B 83 19.94 3.73 22.21
CA ILE B 83 19.46 2.66 21.35
C ILE B 83 19.30 3.27 19.95
N THR B 84 19.90 2.66 18.93
CA THR B 84 19.81 3.18 17.58
C THR B 84 18.87 2.27 16.81
N MET B 85 17.98 2.87 16.01
CA MET B 85 17.20 2.06 15.09
C MET B 85 17.32 2.70 13.71
N THR B 86 17.33 1.85 12.69
CA THR B 86 17.17 2.26 11.33
C THR B 86 15.74 1.95 10.92
N ILE B 87 15.05 2.98 10.43
CA ILE B 87 13.61 2.93 10.17
C ILE B 87 13.33 3.21 8.70
N ARG B 88 12.39 2.42 8.15
CA ARG B 88 11.77 2.76 6.89
C ARG B 88 10.39 3.32 7.19
N ASP B 89 10.17 4.58 6.78
CA ASP B 89 8.97 5.33 7.10
C ASP B 89 7.73 4.62 6.58
N ARG B 90 6.84 4.31 7.52
CA ARG B 90 5.53 3.70 7.28
C ARG B 90 5.29 3.28 5.83
N PRO B 91 5.88 2.15 5.41
CA PRO B 91 5.84 1.77 4.01
C PRO B 91 4.46 1.41 3.45
N PHE B 92 3.49 1.06 4.31
CA PHE B 92 2.18 0.65 3.84
C PHE B 92 1.19 1.83 3.74
N GLU B 93 1.62 3.03 4.08
CA GLU B 93 0.69 4.18 4.08
C GLU B 93 0.83 5.00 2.82
N ARG B 94 -0.28 5.68 2.51
CA ARG B 94 -0.39 6.60 1.40
CA ARG B 94 -0.34 6.63 1.42
C ARG B 94 -1.17 7.84 1.86
N THR B 95 -0.86 8.99 1.27
CA THR B 95 -1.48 10.26 1.66
C THR B 95 -2.55 10.61 0.61
N ILE B 96 -3.70 11.09 1.11
CA ILE B 96 -4.79 11.65 0.32
C ILE B 96 -5.08 13.03 0.87
N THR B 97 -5.16 14.03 0.01
CA THR B 97 -5.50 15.41 0.39
C THR B 97 -6.89 15.74 -0.15
N MET B 98 -7.77 16.14 0.77
CA MET B 98 -9.10 16.57 0.43
C MET B 98 -9.36 18.00 0.93
N HIS B 99 -10.51 18.57 0.46
CA HIS B 99 -10.95 19.90 0.81
C HIS B 99 -12.42 19.86 1.26
N LYS B 100 -12.66 20.47 2.40
CA LYS B 100 -14.00 20.50 3.01
C LYS B 100 -14.96 21.31 2.15
N ASP B 101 -16.18 20.76 2.05
CA ASP B 101 -17.24 21.47 1.37
C ASP B 101 -17.89 22.51 2.28
N SER B 102 -18.99 23.13 1.80
CA SER B 102 -19.67 24.16 2.55
C SER B 102 -20.27 23.71 3.86
N THR B 103 -20.43 22.38 4.12
CA THR B 103 -20.92 21.86 5.34
C THR B 103 -19.79 21.33 6.23
N GLY B 104 -18.53 21.44 5.76
CA GLY B 104 -17.41 20.98 6.52
C GLY B 104 -16.99 19.54 6.30
N HIS B 105 -17.50 18.90 5.23
CA HIS B 105 -17.24 17.52 4.95
C HIS B 105 -16.48 17.28 3.66
N VAL B 106 -15.71 16.16 3.67
CA VAL B 106 -14.87 15.81 2.52
C VAL B 106 -15.44 14.67 1.70
N GLY B 107 -16.35 13.86 2.31
CA GLY B 107 -17.09 12.92 1.51
C GLY B 107 -16.82 11.42 1.70
N PHE B 108 -16.66 10.97 2.95
CA PHE B 108 -16.54 9.52 3.12
C PHE B 108 -17.20 9.11 4.42
N ILE B 109 -17.56 7.84 4.47
CA ILE B 109 -18.14 7.23 5.68
C ILE B 109 -17.11 6.29 6.30
N PHE B 110 -17.08 6.28 7.63
CA PHE B 110 -16.12 5.42 8.32
C PHE B 110 -16.77 4.84 9.58
N LYS B 111 -16.16 3.74 10.02
CA LYS B 111 -16.52 3.10 11.29
C LYS B 111 -15.29 2.30 11.78
N ASN B 112 -15.06 2.38 13.11
CA ASN B 112 -13.87 1.74 13.69
C ASN B 112 -12.62 2.16 12.90
N GLY B 113 -12.52 3.46 12.57
CA GLY B 113 -11.39 4.02 11.82
C GLY B 113 -11.24 3.54 10.37
N LYS B 114 -12.13 2.71 9.87
CA LYS B 114 -12.05 2.19 8.51
C LYS B 114 -13.07 2.90 7.59
N ILE B 115 -12.57 3.30 6.41
CA ILE B 115 -13.38 3.90 5.37
C ILE B 115 -14.25 2.85 4.73
N THR B 116 -15.59 3.08 4.74
CA THR B 116 -16.53 2.07 4.24
C THR B 116 -17.34 2.52 3.01
N SER B 117 -17.38 3.81 2.72
CA SER B 117 -18.14 4.35 1.61
C SER B 117 -17.51 5.66 1.16
N ILE B 118 -17.57 5.95 -0.15
CA ILE B 118 -17.11 7.22 -0.74
C ILE B 118 -18.35 7.92 -1.34
N VAL B 119 -18.60 9.12 -0.91
CA VAL B 119 -19.74 9.87 -1.41
C VAL B 119 -19.44 10.33 -2.82
N LYS B 120 -20.46 10.10 -3.66
CA LYS B 120 -20.42 10.43 -5.06
C LYS B 120 -20.11 11.92 -5.26
N ASP B 121 -19.18 12.20 -6.17
CA ASP B 121 -18.84 13.57 -6.59
C ASP B 121 -18.39 14.50 -5.45
N SER B 122 -17.75 13.91 -4.41
CA SER B 122 -17.17 14.62 -3.28
C SER B 122 -15.65 14.79 -3.47
N SER B 123 -15.00 15.56 -2.60
CA SER B 123 -13.55 15.69 -2.59
C SER B 123 -12.88 14.31 -2.44
N ALA B 124 -13.45 13.47 -1.58
CA ALA B 124 -12.94 12.11 -1.39
C ALA B 124 -12.96 11.37 -2.73
N ALA B 125 -14.09 11.50 -3.50
CA ALA B 125 -14.20 10.83 -4.79
C ALA B 125 -13.18 11.42 -5.77
N ARG B 126 -13.11 12.74 -5.82
CA ARG B 126 -12.24 13.37 -6.79
C ARG B 126 -10.79 12.96 -6.61
N ASN B 127 -10.40 12.77 -5.33
CA ASN B 127 -9.03 12.39 -4.97
C ASN B 127 -8.80 10.90 -4.84
N GLY B 128 -9.78 10.09 -5.19
CA GLY B 128 -9.59 8.67 -5.34
C GLY B 128 -9.43 7.94 -4.03
N LEU B 129 -10.07 8.43 -2.94
CA LEU B 129 -10.03 7.72 -1.70
C LEU B 129 -10.66 6.35 -1.89
N LEU B 130 -10.09 5.36 -1.18
CA LEU B 130 -10.55 3.98 -1.26
C LEU B 130 -11.22 3.52 0.02
N THR B 131 -12.13 2.53 -0.13
CA THR B 131 -12.68 1.87 1.02
C THR B 131 -11.79 0.72 1.49
N GLU B 132 -12.19 0.05 2.58
CA GLU B 132 -11.38 -1.03 3.19
C GLU B 132 -9.96 -0.54 3.40
N HIS B 133 -9.88 0.70 3.89
CA HIS B 133 -8.64 1.34 4.29
C HIS B 133 -8.84 1.97 5.67
N ASN B 134 -7.84 1.80 6.56
CA ASN B 134 -7.87 2.43 7.86
C ASN B 134 -7.15 3.77 7.80
N ILE B 135 -7.73 4.75 8.52
CA ILE B 135 -7.14 6.08 8.66
C ILE B 135 -6.02 5.98 9.72
N CYS B 136 -4.85 6.52 9.38
CA CYS B 136 -3.67 6.44 10.23
C CYS B 136 -3.32 7.77 10.87
N GLU B 137 -3.40 8.84 10.09
CA GLU B 137 -2.98 10.16 10.49
C GLU B 137 -3.91 11.19 9.82
N ILE B 138 -4.22 12.28 10.54
CA ILE B 138 -4.97 13.41 10.02
C ILE B 138 -4.18 14.66 10.35
N ASN B 139 -3.82 15.41 9.33
CA ASN B 139 -3.16 16.71 9.50
C ASN B 139 -1.93 16.57 10.41
N GLY B 140 -1.15 15.50 10.21
CA GLY B 140 0.09 15.31 10.96
C GLY B 140 -0.07 14.64 12.33
N GLN B 141 -1.33 14.36 12.75
CA GLN B 141 -1.60 13.84 14.07
C GLN B 141 -2.01 12.37 13.94
N ASN B 142 -1.39 11.50 14.74
CA ASN B 142 -1.80 10.08 14.79
C ASN B 142 -3.26 9.97 15.18
N VAL B 143 -4.00 9.05 14.57
CA VAL B 143 -5.33 8.67 15.01
C VAL B 143 -5.48 7.17 15.23
N ILE B 144 -4.40 6.40 15.08
CA ILE B 144 -4.42 4.96 15.38
C ILE B 144 -4.71 4.80 16.86
N GLY B 145 -5.79 4.02 17.16
CA GLY B 145 -6.21 3.74 18.52
C GLY B 145 -7.24 4.73 19.06
N LEU B 146 -7.59 5.78 18.32
CA LEU B 146 -8.59 6.70 18.80
C LEU B 146 -9.97 6.14 18.49
N LYS B 147 -10.95 6.54 19.30
CA LYS B 147 -12.35 6.25 19.04
C LYS B 147 -12.83 7.04 17.82
N ASP B 148 -13.89 6.56 17.19
CA ASP B 148 -14.49 7.26 16.05
C ASP B 148 -14.92 8.69 16.38
N SER B 149 -15.45 8.94 17.58
CA SER B 149 -15.89 10.26 17.97
C SER B 149 -14.70 11.21 18.07
N GLN B 150 -13.53 10.67 18.44
CA GLN B 150 -12.31 11.43 18.51
C GLN B 150 -11.78 11.78 17.12
N ILE B 151 -11.84 10.81 16.21
CA ILE B 151 -11.54 11.05 14.80
C ILE B 151 -12.52 12.11 14.26
N ALA B 152 -13.82 11.99 14.57
CA ALA B 152 -14.80 12.99 14.10
C ALA B 152 -14.44 14.39 14.59
N ASP B 153 -14.01 14.48 15.86
CA ASP B 153 -13.68 15.76 16.46
C ASP B 153 -12.47 16.37 15.76
N ILE B 154 -11.46 15.54 15.47
CA ILE B 154 -10.27 16.05 14.78
C ILE B 154 -10.61 16.55 13.37
N LEU B 155 -11.47 15.80 12.68
CA LEU B 155 -11.94 16.21 11.35
C LEU B 155 -12.68 17.54 11.47
N SER B 156 -13.48 17.71 12.52
CA SER B 156 -14.24 18.94 12.73
C SER B 156 -13.34 20.15 12.91
N THR B 157 -12.28 19.98 13.68
CA THR B 157 -11.43 21.11 14.03
C THR B 157 -10.46 21.40 12.92
N SER B 158 -10.25 20.47 11.98
CA SER B 158 -9.45 20.76 10.79
C SER B 158 -9.88 22.03 10.08
N GLY B 159 -8.90 22.71 9.46
CA GLY B 159 -9.17 23.67 8.42
C GLY B 159 -9.67 23.02 7.13
N THR B 160 -9.84 23.84 6.08
CA THR B 160 -10.44 23.39 4.82
C THR B 160 -9.67 22.22 4.21
N VAL B 161 -8.32 22.30 4.27
CA VAL B 161 -7.44 21.26 3.77
C VAL B 161 -7.30 20.13 4.77
N VAL B 162 -7.76 18.96 4.35
CA VAL B 162 -7.74 17.75 5.20
C VAL B 162 -6.76 16.75 4.59
N THR B 163 -5.59 16.57 5.23
CA THR B 163 -4.57 15.68 4.71
C THR B 163 -4.55 14.41 5.55
N ILE B 164 -4.95 13.24 4.97
CA ILE B 164 -5.01 12.03 5.72
C ILE B 164 -4.00 11.05 5.16
N THR B 165 -3.60 10.10 6.02
CA THR B 165 -2.88 8.94 5.53
C THR B 165 -3.73 7.73 5.82
N ILE B 166 -3.62 6.76 4.89
CA ILE B 166 -4.41 5.54 4.93
C ILE B 166 -3.51 4.34 4.69
N MET B 167 -4.07 3.18 5.07
CA MET B 167 -3.41 1.92 4.77
CA MET B 167 -3.41 1.90 4.93
C MET B 167 -4.48 0.86 4.60
N PRO B 168 -4.25 -0.13 3.72
CA PRO B 168 -5.25 -1.18 3.52
C PRO B 168 -5.60 -1.87 4.83
N ALA B 169 -6.90 -2.09 5.00
CA ALA B 169 -7.40 -2.67 6.25
C ALA B 169 -6.78 -4.06 6.52
N PHE B 170 -6.55 -4.91 5.50
CA PHE B 170 -6.02 -6.24 5.76
CA PHE B 170 -5.97 -6.25 5.68
C PHE B 170 -4.61 -6.15 6.37
N ILE B 171 -3.83 -5.15 5.99
CA ILE B 171 -2.51 -4.95 6.56
C ILE B 171 -2.61 -4.39 7.97
N PHE B 172 -3.45 -3.40 8.16
CA PHE B 172 -3.68 -2.84 9.48
C PHE B 172 -4.06 -3.94 10.49
N GLU B 173 -4.96 -4.80 10.08
CA GLU B 173 -5.47 -5.84 10.97
C GLU B 173 -4.35 -6.84 11.29
N HIS B 174 -3.50 -7.12 10.31
CA HIS B 174 -2.37 -8.03 10.50
C HIS B 174 -1.39 -7.43 11.50
N ILE B 175 -1.07 -6.14 11.41
CA ILE B 175 -0.17 -5.52 12.34
C ILE B 175 -0.72 -5.49 13.75
N ILE B 176 -2.01 -5.12 13.92
CA ILE B 176 -2.51 -4.84 15.26
C ILE B 176 -2.83 -6.12 16.03
N LYS B 177 -2.96 -7.24 15.32
CA LYS B 177 -3.46 -8.46 15.91
C LYS B 177 -2.47 -8.93 16.98
N ARG B 178 -3.05 -9.39 18.10
CA ARG B 178 -2.28 -9.88 19.24
C ARG B 178 -2.53 -11.39 19.39
N MET B 179 -1.98 -11.96 20.46
CA MET B 179 -1.87 -13.41 20.62
C MET B 179 -3.12 -13.94 21.35
N ILE B 192 -15.52 -1.36 42.22
CA ILE B 192 -15.84 -0.35 41.17
C ILE B 192 -16.61 0.79 41.83
N PRO B 193 -16.38 2.07 41.44
CA PRO B 193 -17.07 3.20 42.06
C PRO B 193 -18.59 3.23 41.83
N GLU B 194 -19.32 3.45 42.92
CA GLU B 194 -20.75 3.65 42.88
C GLU B 194 -21.15 4.89 42.09
N VAL B 195 -20.41 6.01 42.24
CA VAL B 195 -20.77 7.28 41.63
C VAL B 195 -19.52 7.94 41.01
N ALA C 1 6.31 -28.25 3.99
CA ALA C 1 7.53 -27.43 3.77
C ALA C 1 7.50 -26.92 2.34
N PRO C 2 7.97 -25.67 2.07
CA PRO C 2 8.03 -25.19 0.68
C PRO C 2 8.95 -26.09 -0.14
N THR C 3 8.68 -26.15 -1.48
CA THR C 3 9.45 -26.95 -2.38
C THR C 3 9.68 -26.21 -3.70
N ASN C 4 10.77 -26.60 -4.39
CA ASN C 4 11.05 -26.14 -5.75
C ASN C 4 10.93 -24.60 -5.81
N GLU C 5 11.66 -23.94 -4.90
CA GLU C 5 11.71 -22.48 -4.88
C GLU C 5 13.02 -22.04 -5.51
N PHE C 6 13.14 -20.70 -5.70
CA PHE C 6 14.25 -20.15 -6.46
C PHE C 6 14.98 -19.14 -5.58
N TYR C 7 16.32 -19.14 -5.71
CA TYR C 7 17.15 -18.29 -4.86
C TYR C 7 17.68 -17.14 -5.73
N ALA C 8 17.50 -15.91 -5.24
CA ALA C 8 17.95 -14.68 -5.90
C ALA C 8 19.00 -13.93 -5.07
N ALA D 1 -27.82 -4.14 6.41
CA ALA D 1 -27.32 -2.75 6.23
C ALA D 1 -26.00 -2.59 6.99
N PRO D 2 -25.30 -1.43 6.85
CA PRO D 2 -24.39 -0.93 7.88
C PRO D 2 -25.15 -0.07 8.89
N THR D 3 -24.58 0.14 10.10
CA THR D 3 -25.24 0.98 11.10
C THR D 3 -24.23 1.76 11.93
N ASN D 4 -24.70 2.89 12.48
CA ASN D 4 -23.95 3.74 13.38
C ASN D 4 -22.58 3.98 12.79
N GLU D 5 -22.59 4.62 11.62
CA GLU D 5 -21.35 5.04 11.02
C GLU D 5 -21.24 6.56 11.06
N PHE D 6 -20.05 7.05 10.68
CA PHE D 6 -19.65 8.43 10.88
C PHE D 6 -19.35 9.03 9.52
N TYR D 7 -19.86 10.28 9.30
CA TYR D 7 -19.66 11.01 8.05
C TYR D 7 -18.57 12.07 8.21
N ALA D 8 -17.56 11.98 7.33
CA ALA D 8 -16.42 12.87 7.32
C ALA D 8 -16.45 13.82 6.08
#